data_7T7H
#
_entry.id   7T7H
#
_cell.length_a   56.77
_cell.length_b   82.77
_cell.length_c   96.31
_cell.angle_alpha   90.0
_cell.angle_beta   90.0
_cell.angle_gamma   90.0
#
_symmetry.space_group_name_H-M   'P 21 21 21'
#
loop_
_entity.id
_entity.type
_entity.pdbx_description
1 polymer 'DNA repair NTP-phosphohydrolase'
2 non-polymer 'SODIUM ION'
3 non-polymer 4-(6,7-dimethoxy-3,4-dihydroisoquinolin-2(1H)-yl)-N-[2-(3,4-dimethoxyphenyl)ethyl]-6,7-dimethoxyquinazolin-2-amine
4 water water
#
_entity_poly.entity_id   1
_entity_poly.type   'polypeptide(L)'
_entity_poly.pdbx_seq_one_letter_code
;MGITMDEEVIFETPRELISIKRIKDIPRSKDTHVFAACITSDGYPLIGARRTSFAFQAILSQQNSDSIFRVSTKLLRFMY
YNELREIFRRLRKGSINNIDPHFEELILLGGKLDKKESIKDCLRRELKEESDERITVKEFGNVILKLTTRDKLFNKVYIG
YCMACFINQSLEDLSHTSIYNVEIRKIKSLNDCINDDKYEYLSYIYNMLVNSKLEHHHHHH
;
_entity_poly.pdbx_strand_id   A,B
#
loop_
_chem_comp.id
_chem_comp.type
_chem_comp.name
_chem_comp.formula
G7R non-polymer 4-(6,7-dimethoxy-3,4-dihydroisoquinolin-2(1H)-yl)-N-[2-(3,4-dimethoxyphenyl)ethyl]-6,7-dimethoxyquinazolin-2-amine 'C31 H36 N4 O6'
NA non-polymer 'SODIUM ION' 'Na 1'
#
# COMPACT_ATOMS: atom_id res chain seq x y z
N ILE A 3 -3.98 3.82 6.90
CA ILE A 3 -3.21 2.62 7.23
C ILE A 3 -3.38 2.34 8.72
N THR A 4 -3.48 1.05 9.05
CA THR A 4 -3.64 0.59 10.44
C THR A 4 -2.36 0.06 11.08
N MET A 5 -2.26 0.10 12.41
CA MET A 5 -1.01 -0.30 13.06
C MET A 5 -0.58 -1.71 12.60
N ASP A 6 0.70 -1.81 12.21
CA ASP A 6 1.39 -3.00 11.71
C ASP A 6 0.76 -3.77 10.54
N GLU A 7 -0.14 -3.15 9.79
CA GLU A 7 -0.58 -3.82 8.57
C GLU A 7 0.25 -3.26 7.41
N GLU A 8 0.53 -4.15 6.48
CA GLU A 8 1.51 -3.93 5.46
C GLU A 8 0.91 -3.92 4.07
N VAL A 9 1.38 -3.02 3.20
CA VAL A 9 0.86 -2.90 1.89
C VAL A 9 2.01 -3.01 0.91
N ILE A 10 1.83 -3.74 -0.17
CA ILE A 10 2.98 -4.07 -1.03
C ILE A 10 2.75 -3.47 -2.41
N PHE A 11 3.78 -2.84 -2.93
CA PHE A 11 3.79 -2.28 -4.29
C PHE A 11 4.94 -2.83 -5.12
N GLU A 12 4.70 -3.01 -6.42
CA GLU A 12 5.74 -3.51 -7.32
C GLU A 12 6.00 -2.48 -8.44
N THR A 13 7.25 -2.24 -8.81
CA THR A 13 7.55 -1.41 -9.99
C THR A 13 8.51 -2.27 -10.82
N PRO A 14 8.87 -1.84 -12.02
CA PRO A 14 9.86 -2.60 -12.78
C PRO A 14 11.23 -2.71 -12.10
N ARG A 15 11.47 -1.84 -11.12
CA ARG A 15 12.78 -1.76 -10.44
C ARG A 15 12.84 -2.20 -8.97
N GLU A 16 11.67 -2.22 -8.29
CA GLU A 16 11.61 -2.40 -6.83
C GLU A 16 10.38 -3.18 -6.39
N LEU A 17 10.51 -3.88 -5.25
CA LEU A 17 9.30 -4.36 -4.56
C LEU A 17 9.30 -3.56 -3.24
N ILE A 18 8.24 -2.84 -2.88
CA ILE A 18 8.30 -2.08 -1.63
C ILE A 18 7.12 -2.49 -0.73
N SER A 19 7.41 -2.53 0.55
CA SER A 19 6.33 -2.83 1.48
C SER A 19 6.28 -1.63 2.43
N ILE A 20 5.07 -1.21 2.75
CA ILE A 20 4.88 0.00 3.54
C ILE A 20 4.02 -0.41 4.70
N LYS A 21 4.50 -0.15 5.90
CA LYS A 21 3.77 -0.65 7.07
C LYS A 21 3.73 0.40 8.15
N ARG A 22 2.57 0.63 8.77
CA ARG A 22 2.57 1.55 9.91
C ARG A 22 3.26 0.94 11.14
N ILE A 23 4.14 1.68 11.83
CA ILE A 23 4.79 1.13 13.04
C ILE A 23 4.69 2.10 14.18
N LYS A 24 4.89 1.64 15.41
CA LYS A 24 4.78 2.56 16.53
C LYS A 24 6.05 3.35 16.79
N ASP A 25 7.17 2.65 16.91
CA ASP A 25 8.46 3.27 17.25
C ASP A 25 9.54 2.80 16.29
N ILE A 26 10.38 3.73 15.88
CA ILE A 26 11.56 3.41 15.05
C ILE A 26 12.62 2.69 15.93
N PRO A 27 13.15 1.55 15.45
CA PRO A 27 14.18 0.83 16.20
C PRO A 27 15.42 1.69 16.29
N ARG A 28 16.00 1.66 17.48
CA ARG A 28 17.12 2.50 17.87
C ARG A 28 18.34 1.58 18.19
N SER A 29 18.47 0.43 17.51
CA SER A 29 19.65 -0.45 17.71
C SER A 29 20.79 0.08 16.86
N LYS A 30 20.41 0.77 15.78
CA LYS A 30 21.38 1.32 14.83
C LYS A 30 20.87 2.65 14.31
N ASP A 31 21.74 3.38 13.64
CA ASP A 31 21.34 4.53 12.88
C ASP A 31 20.34 4.16 11.75
N THR A 32 19.32 5.00 11.58
CA THR A 32 18.34 4.65 10.59
C THR A 32 18.22 5.82 9.65
N HIS A 33 17.34 5.70 8.68
CA HIS A 33 17.12 6.81 7.74
C HIS A 33 15.65 7.21 7.94
N VAL A 34 15.38 8.52 8.04
CA VAL A 34 14.00 9.01 8.17
C VAL A 34 13.65 9.96 7.00
N PHE A 35 12.42 9.85 6.54
CA PHE A 35 11.91 10.56 5.38
C PHE A 35 10.73 11.43 5.84
N ALA A 36 10.55 12.53 5.14
CA ALA A 36 9.45 13.46 5.37
C ALA A 36 8.54 13.41 4.16
N ALA A 37 7.28 13.07 4.35
CA ALA A 37 6.26 13.35 3.34
C ALA A 37 5.85 14.80 3.56
N CYS A 38 6.37 15.72 2.74
CA CYS A 38 6.18 17.16 2.97
C CYS A 38 5.03 17.74 2.16
N ILE A 39 4.17 18.47 2.83
CA ILE A 39 2.99 19.06 2.17
C ILE A 39 3.16 20.56 2.27
N THR A 40 3.19 21.25 1.12
CA THR A 40 3.40 22.71 1.12
C THR A 40 2.24 23.44 1.73
N SER A 41 2.44 24.72 2.05
CA SER A 41 1.35 25.49 2.60
C SER A 41 0.15 25.55 1.64
N ASP A 42 0.39 25.46 0.33
CA ASP A 42 -0.74 25.47 -0.60
C ASP A 42 -1.21 24.07 -1.03
N GLY A 43 -0.76 23.03 -0.29
CA GLY A 43 -1.39 21.72 -0.39
C GLY A 43 -0.77 20.76 -1.41
N TYR A 44 0.49 21.00 -1.82
CA TYR A 44 1.17 20.13 -2.77
C TYR A 44 2.17 19.16 -2.10
N PRO A 45 2.18 17.92 -2.53
CA PRO A 45 3.18 16.99 -1.97
C PRO A 45 4.52 17.14 -2.68
N LEU A 46 5.62 17.15 -1.90
CA LEU A 46 6.98 17.36 -2.44
C LEU A 46 7.75 16.08 -2.64
N ILE A 47 8.62 16.11 -3.65
CA ILE A 47 9.49 14.95 -3.87
C ILE A 47 10.84 15.54 -4.33
N GLY A 48 11.92 14.83 -4.07
CA GLY A 48 13.22 15.30 -4.46
C GLY A 48 13.72 14.49 -5.61
N ALA A 49 14.56 15.11 -6.45
CA ALA A 49 15.21 14.31 -7.52
C ALA A 49 16.62 14.09 -7.01
N ARG A 50 17.00 12.84 -6.80
CA ARG A 50 18.29 12.55 -6.12
C ARG A 50 19.44 13.08 -7.01
N ARG A 51 20.51 13.61 -6.42
CA ARG A 51 21.64 14.13 -7.26
C ARG A 51 22.22 13.07 -8.17
N THR A 52 22.42 11.88 -7.62
CA THR A 52 22.92 10.74 -8.41
C THR A 52 21.87 9.69 -8.52
N SER A 53 21.70 9.06 -9.68
CA SER A 53 20.72 7.98 -9.75
C SER A 53 21.19 6.69 -9.03
N PHE A 54 20.24 5.87 -8.58
CA PHE A 54 20.66 4.60 -7.96
C PHE A 54 21.35 3.70 -8.94
N ALA A 55 20.91 3.68 -10.20
CA ALA A 55 21.53 2.80 -11.20
C ALA A 55 23.00 3.20 -11.41
N PHE A 56 23.22 4.50 -11.53
CA PHE A 56 24.63 4.96 -11.75
C PHE A 56 25.46 4.67 -10.54
N GLN A 57 24.92 4.96 -9.37
CA GLN A 57 25.71 4.61 -8.15
C GLN A 57 26.04 3.14 -8.13
N ALA A 58 25.10 2.29 -8.54
CA ALA A 58 25.35 0.84 -8.56
C ALA A 58 26.44 0.43 -9.52
N ILE A 59 26.41 1.04 -10.70
CA ILE A 59 27.41 0.81 -11.68
C ILE A 59 28.79 1.23 -11.13
N LEU A 60 28.87 2.39 -10.50
CA LEU A 60 30.17 2.88 -9.89
C LEU A 60 30.71 1.93 -8.83
N SER A 61 29.81 1.32 -8.08
CA SER A 61 30.19 0.53 -6.90
C SER A 61 30.54 -0.90 -7.30
N GLN A 62 30.36 -1.22 -8.58
CA GLN A 62 30.70 -2.55 -9.12
C GLN A 62 31.91 -2.55 -10.03
N VAL A 71 27.52 -2.72 -19.49
CA VAL A 71 26.36 -2.17 -18.79
C VAL A 71 25.08 -2.83 -19.24
N SER A 72 24.34 -3.38 -18.29
CA SER A 72 22.97 -3.81 -18.56
C SER A 72 22.17 -2.69 -19.16
N THR A 73 21.46 -2.94 -20.25
CA THR A 73 20.72 -1.87 -20.85
C THR A 73 19.40 -1.41 -20.15
N LYS A 74 18.77 -2.30 -19.35
CA LYS A 74 17.72 -1.86 -18.44
C LYS A 74 18.26 -0.78 -17.54
N LEU A 75 19.56 -0.79 -17.24
CA LEU A 75 20.01 0.27 -16.33
C LEU A 75 20.08 1.66 -17.02
N LEU A 76 20.32 1.63 -18.31
CA LEU A 76 20.47 2.91 -19.11
C LEU A 76 19.19 3.70 -19.23
N ARG A 77 18.07 3.02 -18.93
CA ARG A 77 16.75 3.66 -18.88
C ARG A 77 16.52 4.45 -17.58
N PHE A 78 17.42 4.31 -16.59
CA PHE A 78 17.15 4.89 -15.25
C PHE A 78 18.35 5.67 -14.74
N MET A 79 18.94 6.45 -15.69
CA MET A 79 20.02 7.34 -15.27
C MET A 79 19.78 8.76 -15.81
N TYR A 80 20.45 9.72 -15.18
CA TYR A 80 20.41 11.09 -15.71
C TYR A 80 21.27 11.21 -16.92
N TYR A 81 20.99 12.24 -17.72
CA TYR A 81 21.73 12.36 -18.97
C TYR A 81 23.20 12.65 -18.75
N ASN A 82 23.59 13.41 -17.71
CA ASN A 82 25.04 13.58 -17.55
C ASN A 82 25.76 12.28 -17.16
N GLU A 83 25.09 11.44 -16.39
CA GLU A 83 25.62 10.16 -16.07
C GLU A 83 25.77 9.29 -17.34
N LEU A 84 24.72 9.29 -18.13
CA LEU A 84 24.76 8.52 -19.38
C LEU A 84 25.88 8.99 -20.29
N ARG A 85 26.16 10.29 -20.34
CA ARG A 85 27.21 10.73 -21.23
C ARG A 85 28.56 10.22 -20.74
N GLU A 86 28.73 10.18 -19.40
CA GLU A 86 29.97 9.65 -18.89
C GLU A 86 30.15 8.17 -19.28
N ILE A 87 29.07 7.38 -19.13
CA ILE A 87 29.14 5.94 -19.54
C ILE A 87 29.38 5.78 -21.05
N PHE A 88 28.63 6.54 -21.87
CA PHE A 88 28.77 6.35 -23.32
C PHE A 88 30.06 6.82 -23.86
N ARG A 89 30.72 7.79 -23.21
CA ARG A 89 32.02 8.27 -23.68
C ARG A 89 32.98 7.09 -23.62
N ARG A 90 32.76 6.19 -22.67
CA ARG A 90 33.49 4.94 -22.60
C ARG A 90 32.96 3.77 -23.47
N LEU A 91 31.63 3.66 -23.71
CA LEU A 91 31.15 2.58 -24.59
C LEU A 91 31.36 2.85 -26.07
N ARG A 92 31.25 4.11 -26.50
CA ARG A 92 31.42 4.45 -27.92
C ARG A 92 32.51 5.50 -28.10
N LYS A 93 33.39 5.27 -29.08
CA LYS A 93 34.56 6.14 -29.25
C LYS A 93 34.23 7.60 -29.49
N GLY A 94 33.74 7.97 -30.66
CA GLY A 94 33.44 9.40 -30.81
C GLY A 94 32.07 9.91 -30.35
N SER A 95 31.61 9.47 -29.18
CA SER A 95 30.22 9.52 -28.84
C SER A 95 29.73 10.97 -28.74
N ILE A 96 28.69 11.35 -29.47
CA ILE A 96 28.22 12.73 -29.30
C ILE A 96 26.83 12.85 -28.65
N ASN A 97 26.05 11.77 -28.59
CA ASN A 97 24.82 11.80 -27.80
C ASN A 97 24.35 10.35 -27.56
N ASN A 98 23.30 10.19 -26.80
CA ASN A 98 22.74 8.85 -26.60
C ASN A 98 21.32 9.05 -26.24
N ILE A 99 20.53 7.96 -26.21
CA ILE A 99 19.16 8.08 -25.76
C ILE A 99 19.07 8.75 -24.37
N ASP A 100 18.18 9.74 -24.27
CA ASP A 100 17.89 10.39 -22.99
C ASP A 100 16.53 9.89 -22.51
N PRO A 101 16.50 9.09 -21.44
CA PRO A 101 15.23 8.54 -20.95
C PRO A 101 14.39 9.57 -20.15
N HIS A 102 14.86 10.80 -19.95
CA HIS A 102 14.11 11.82 -19.19
C HIS A 102 13.73 11.28 -17.86
N PHE A 103 14.73 10.70 -17.23
CA PHE A 103 14.57 10.05 -15.94
C PHE A 103 14.92 10.97 -14.74
N GLU A 104 14.19 10.82 -13.62
CA GLU A 104 14.63 11.47 -12.35
C GLU A 104 14.49 10.42 -11.27
N GLU A 105 15.40 10.42 -10.31
CA GLU A 105 15.40 9.43 -9.22
C GLU A 105 14.61 9.98 -8.04
N LEU A 106 13.33 9.60 -7.88
CA LEU A 106 12.51 10.29 -6.90
C LEU A 106 12.78 9.77 -5.51
N ILE A 107 12.97 10.69 -4.58
CA ILE A 107 13.20 10.32 -3.19
C ILE A 107 12.43 11.26 -2.31
N LEU A 108 11.97 10.71 -1.18
CA LEU A 108 11.47 11.63 -0.17
C LEU A 108 12.59 12.41 0.45
N LEU A 109 12.32 13.63 0.88
CA LEU A 109 13.37 14.39 1.55
C LEU A 109 13.64 13.77 2.92
N GLY A 110 14.84 13.93 3.45
CA GLY A 110 15.10 13.43 4.80
C GLY A 110 16.54 12.99 4.87
N GLY A 111 16.89 12.19 5.88
CA GLY A 111 18.30 11.82 5.97
C GLY A 111 18.55 10.96 7.20
N LYS A 112 19.78 10.98 7.70
CA LYS A 112 20.12 10.01 8.73
C LYS A 112 19.73 10.44 10.12
N LEU A 113 19.15 9.51 10.85
CA LEU A 113 18.81 9.72 12.24
C LEU A 113 19.70 8.82 13.09
N ASP A 114 20.62 9.41 13.85
CA ASP A 114 21.37 8.57 14.80
C ASP A 114 20.42 8.40 15.96
N LYS A 115 20.80 7.94 17.13
CA LYS A 115 19.74 7.93 18.12
C LYS A 115 20.05 8.79 19.34
N LYS A 116 20.82 9.84 19.08
CA LYS A 116 20.94 10.99 19.96
C LYS A 116 19.61 11.76 19.95
N GLU A 117 19.22 12.16 18.74
CA GLU A 117 18.16 13.13 18.49
C GLU A 117 16.73 12.60 18.34
N SER A 118 15.78 13.50 18.55
CA SER A 118 14.38 13.19 18.33
C SER A 118 14.18 13.08 16.81
N ILE A 119 13.13 12.39 16.37
CA ILE A 119 12.83 12.33 14.94
C ILE A 119 12.60 13.74 14.42
N LYS A 120 11.90 14.57 15.20
CA LYS A 120 11.56 15.92 14.76
C LYS A 120 12.78 16.79 14.54
N ASP A 121 13.74 16.81 15.48
CA ASP A 121 14.95 17.60 15.25
C ASP A 121 15.71 17.13 14.03
N CYS A 122 15.75 15.82 13.86
CA CYS A 122 16.38 15.25 12.66
C CYS A 122 15.73 15.76 11.37
N LEU A 123 14.42 15.62 11.28
CA LEU A 123 13.74 16.09 10.07
C LEU A 123 13.91 17.60 9.84
N ARG A 124 13.76 18.41 10.89
CA ARG A 124 14.00 19.86 10.72
C ARG A 124 15.39 20.10 10.14
N ARG A 125 16.40 19.44 10.70
CA ARG A 125 17.75 19.64 10.17
C ARG A 125 17.93 19.16 8.74
N GLU A 126 17.49 17.95 8.43
CA GLU A 126 17.73 17.43 7.10
C GLU A 126 16.93 18.23 6.05
N LEU A 127 15.69 18.61 6.38
CA LEU A 127 14.86 19.37 5.44
C LEU A 127 15.54 20.70 5.19
N LYS A 128 16.15 21.29 6.23
CA LYS A 128 16.74 22.59 5.98
C LYS A 128 18.03 22.44 5.13
N GLU A 129 18.83 21.39 5.37
CA GLU A 129 20.00 21.16 4.50
C GLU A 129 19.68 20.77 3.09
N GLU A 130 18.64 19.99 2.90
CA GLU A 130 18.34 19.56 1.54
C GLU A 130 17.64 20.66 0.73
N SER A 131 17.13 21.67 1.44
CA SER A 131 16.38 22.72 0.76
C SER A 131 17.14 24.03 0.67
N ASP A 132 18.44 23.99 0.94
CA ASP A 132 19.26 25.22 0.88
C ASP A 132 18.69 26.20 1.88
N GLU A 133 18.32 25.65 3.03
CA GLU A 133 17.79 26.39 4.16
C GLU A 133 16.45 27.09 3.98
N ARG A 134 15.61 26.62 3.06
CA ARG A 134 14.30 27.23 2.86
C ARG A 134 13.12 26.59 3.62
N ILE A 135 13.14 25.28 3.82
CA ILE A 135 12.01 24.62 4.48
C ILE A 135 12.02 24.73 5.98
N THR A 136 10.88 25.17 6.51
CA THR A 136 10.64 25.10 7.95
C THR A 136 9.33 24.36 8.17
N VAL A 137 9.27 23.63 9.28
CA VAL A 137 8.12 22.77 9.53
C VAL A 137 7.12 23.44 10.42
N LYS A 138 5.88 23.52 9.98
CA LYS A 138 4.83 24.15 10.75
C LYS A 138 4.32 23.16 11.76
N GLU A 139 4.02 21.94 11.30
CA GLU A 139 3.53 20.90 12.18
C GLU A 139 3.93 19.53 11.67
N PHE A 140 4.19 18.61 12.58
CA PHE A 140 4.39 17.20 12.18
C PHE A 140 3.16 16.35 12.36
N GLY A 141 3.16 15.24 11.59
CA GLY A 141 2.18 14.19 11.78
C GLY A 141 2.62 13.29 12.90
N ASN A 142 1.71 12.39 13.29
CA ASN A 142 1.92 11.47 14.40
C ASN A 142 2.12 10.02 13.98
N VAL A 143 1.92 9.74 12.71
CA VAL A 143 1.96 8.39 12.15
C VAL A 143 3.34 8.15 11.50
N ILE A 144 3.97 7.01 11.80
CA ILE A 144 5.26 6.63 11.19
C ILE A 144 5.02 5.44 10.28
N LEU A 145 5.51 5.49 9.03
CA LEU A 145 5.43 4.36 8.10
C LEU A 145 6.82 3.80 7.84
N LYS A 146 7.01 2.51 8.06
CA LYS A 146 8.24 1.85 7.65
C LYS A 146 8.19 1.50 6.16
N LEU A 147 9.21 1.93 5.38
CA LEU A 147 9.31 1.64 3.91
C LEU A 147 10.45 0.68 3.70
N THR A 148 10.12 -0.51 3.18
CA THR A 148 11.14 -1.51 2.97
C THR A 148 11.22 -1.70 1.47
N THR A 149 12.34 -1.35 0.82
CA THR A 149 12.42 -1.63 -0.59
C THR A 149 13.45 -2.74 -0.91
N ARG A 150 13.12 -3.56 -1.90
CA ARG A 150 14.07 -4.55 -2.36
C ARG A 150 14.30 -4.26 -3.81
N ASP A 151 15.51 -3.84 -4.20
CA ASP A 151 15.68 -3.50 -5.63
C ASP A 151 15.84 -4.81 -6.42
N LYS A 152 15.14 -4.87 -7.53
CA LYS A 152 15.05 -6.06 -8.35
C LYS A 152 16.33 -6.40 -9.13
N LEU A 153 17.09 -5.41 -9.53
CA LEU A 153 18.26 -5.72 -10.33
C LEU A 153 19.42 -6.22 -9.41
N PHE A 154 19.65 -5.55 -8.29
CA PHE A 154 20.76 -5.93 -7.44
C PHE A 154 20.40 -6.63 -6.16
N ASN A 155 19.12 -6.82 -5.94
CA ASN A 155 18.56 -7.47 -4.75
C ASN A 155 18.99 -6.86 -3.40
N LYS A 156 19.25 -5.57 -3.40
CA LYS A 156 19.61 -4.89 -2.16
C LYS A 156 18.32 -4.47 -1.44
N VAL A 157 18.31 -4.65 -0.11
CA VAL A 157 17.21 -4.22 0.73
C VAL A 157 17.60 -2.94 1.48
N TYR A 158 16.71 -1.97 1.42
CA TYR A 158 16.89 -0.66 2.04
C TYR A 158 15.64 -0.30 2.88
N ILE A 159 15.85 0.15 4.12
CA ILE A 159 14.72 0.51 5.00
C ILE A 159 14.78 1.99 5.44
N GLY A 160 13.64 2.65 5.49
CA GLY A 160 13.58 3.98 6.06
C GLY A 160 12.21 4.19 6.67
N TYR A 161 12.04 5.27 7.40
CA TYR A 161 10.79 5.54 8.13
C TYR A 161 10.23 6.92 7.79
N CYS A 162 8.96 7.01 7.49
CA CYS A 162 8.41 8.22 6.89
C CYS A 162 7.37 8.85 7.86
N MET A 163 7.42 10.18 8.04
CA MET A 163 6.40 10.95 8.79
C MET A 163 5.94 12.15 7.97
N ALA A 164 4.72 12.62 8.21
CA ALA A 164 4.22 13.81 7.53
C ALA A 164 4.84 15.08 8.13
N CYS A 165 5.25 16.02 7.25
CA CYS A 165 5.71 17.37 7.62
C CYS A 165 4.92 18.39 6.85
N PHE A 166 4.10 19.17 7.55
CA PHE A 166 3.36 20.26 6.94
C PHE A 166 4.22 21.52 7.04
N ILE A 167 4.62 22.09 5.91
CA ILE A 167 5.67 23.07 5.95
C ILE A 167 5.04 24.44 5.76
N ASN A 168 5.84 25.46 6.03
CA ASN A 168 5.41 26.86 5.93
C ASN A 168 5.46 27.41 4.51
N GLN A 169 6.32 26.82 3.66
CA GLN A 169 6.59 27.36 2.32
C GLN A 169 5.57 26.82 1.28
N SER A 170 5.35 27.60 0.23
CA SER A 170 4.54 27.20 -0.93
C SER A 170 5.37 26.38 -1.90
N LEU A 171 4.71 25.73 -2.86
CA LEU A 171 5.46 24.99 -3.87
C LEU A 171 6.39 25.93 -4.61
N GLU A 172 5.84 27.07 -4.98
CA GLU A 172 6.62 28.03 -5.77
C GLU A 172 7.88 28.52 -5.01
N ASP A 173 7.77 28.72 -3.70
CA ASP A 173 8.95 29.06 -2.86
C ASP A 173 10.14 28.11 -3.09
N LEU A 174 9.88 26.83 -3.42
CA LEU A 174 10.94 25.85 -3.49
C LEU A 174 11.36 25.44 -4.92
N SER A 175 11.00 26.24 -5.91
CA SER A 175 11.21 25.86 -7.30
C SER A 175 12.69 25.76 -7.78
N HIS A 176 13.61 26.54 -7.19
CA HIS A 176 15.02 26.47 -7.58
C HIS A 176 15.87 25.79 -6.48
N THR A 177 16.87 24.99 -6.89
CA THR A 177 17.78 24.30 -5.97
C THR A 177 19.24 24.56 -6.37
N SER A 178 20.08 24.90 -5.39
CA SER A 178 21.49 25.24 -5.66
C SER A 178 22.20 24.11 -6.36
N ILE A 179 23.15 24.46 -7.24
CA ILE A 179 23.88 23.46 -8.01
C ILE A 179 24.95 22.75 -7.17
N TYR A 180 25.05 23.20 -5.94
CA TYR A 180 26.06 22.68 -5.01
C TYR A 180 25.33 21.78 -4.02
N ASN A 181 24.03 21.61 -4.23
CA ASN A 181 23.29 20.76 -3.33
C ASN A 181 23.73 19.33 -3.57
N VAL A 182 24.41 18.76 -2.57
CA VAL A 182 24.98 17.45 -2.74
C VAL A 182 23.92 16.36 -2.76
N GLU A 183 22.73 16.62 -2.19
CA GLU A 183 21.75 15.56 -2.03
C GLU A 183 20.74 15.45 -3.20
N ILE A 184 20.28 16.60 -3.69
CA ILE A 184 19.15 16.61 -4.64
C ILE A 184 19.38 17.65 -5.71
N ARG A 185 18.89 17.34 -6.91
CA ARG A 185 19.02 18.29 -8.01
C ARG A 185 17.92 19.26 -8.01
N LYS A 186 16.77 18.82 -7.52
CA LYS A 186 15.65 19.76 -7.36
C LYS A 186 14.55 19.20 -6.49
N ILE A 187 13.70 20.10 -6.04
CA ILE A 187 12.49 19.76 -5.27
C ILE A 187 11.29 20.11 -6.16
N LYS A 188 10.36 19.19 -6.29
CA LYS A 188 9.18 19.45 -7.15
C LYS A 188 7.95 18.81 -6.56
N SER A 189 6.81 19.11 -7.17
CA SER A 189 5.53 18.46 -6.82
C SER A 189 5.53 17.07 -7.32
N LEU A 190 5.03 16.12 -6.55
CA LEU A 190 4.92 14.77 -7.01
C LEU A 190 4.03 14.63 -8.27
N ASN A 191 3.03 15.53 -8.40
CA ASN A 191 2.18 15.43 -9.62
C ASN A 191 2.87 15.94 -10.87
N ASP A 192 4.05 16.54 -10.71
CA ASP A 192 4.90 16.77 -11.87
C ASP A 192 5.74 15.56 -12.27
N CYS A 193 5.46 14.40 -11.65
CA CYS A 193 6.20 13.15 -11.83
C CYS A 193 5.29 11.96 -12.13
N ILE A 194 4.16 12.21 -12.79
CA ILE A 194 3.14 11.16 -12.97
C ILE A 194 3.63 9.99 -13.77
N ASN A 195 4.56 10.26 -14.67
CA ASN A 195 5.07 9.13 -15.43
C ASN A 195 6.15 8.31 -14.72
N ASP A 196 6.57 8.71 -13.53
CA ASP A 196 7.62 7.96 -12.85
C ASP A 196 7.10 6.68 -12.24
N ASP A 197 7.90 5.62 -12.28
CA ASP A 197 7.37 4.35 -11.78
C ASP A 197 7.22 4.30 -10.27
N LYS A 198 7.68 5.32 -9.54
CA LYS A 198 7.46 5.35 -8.11
C LYS A 198 6.16 6.11 -7.78
N TYR A 199 5.45 6.62 -8.83
CA TYR A 199 4.34 7.52 -8.53
C TYR A 199 3.26 6.83 -7.64
N GLU A 200 2.92 5.55 -7.94
CA GLU A 200 1.80 4.88 -7.16
C GLU A 200 2.16 4.74 -5.70
N TYR A 201 3.37 4.25 -5.37
CA TYR A 201 3.57 4.03 -3.94
C TYR A 201 3.86 5.34 -3.20
N LEU A 202 4.45 6.34 -3.88
CA LEU A 202 4.65 7.64 -3.22
C LEU A 202 3.29 8.28 -2.97
N SER A 203 2.35 8.08 -3.90
CA SER A 203 0.98 8.67 -3.75
C SER A 203 0.35 8.01 -2.50
N TYR A 204 0.56 6.70 -2.38
CA TYR A 204 -0.02 6.00 -1.23
C TYR A 204 0.50 6.52 0.08
N ILE A 205 1.81 6.71 0.17
CA ILE A 205 2.39 7.27 1.37
C ILE A 205 1.80 8.59 1.74
N TYR A 206 1.72 9.51 0.74
CA TYR A 206 1.15 10.82 1.06
C TYR A 206 -0.32 10.72 1.45
N ASN A 207 -1.06 9.90 0.72
CA ASN A 207 -2.51 9.83 1.01
C ASN A 207 -2.74 9.27 2.43
N MET A 208 -1.96 8.27 2.78
CA MET A 208 -2.11 7.68 4.14
C MET A 208 -1.75 8.60 5.26
N LEU A 209 -0.66 9.36 5.08
CA LEU A 209 -0.18 10.24 6.12
C LEU A 209 -1.07 11.48 6.24
N VAL A 210 -1.57 11.95 5.10
CA VAL A 210 -2.49 13.11 5.16
C VAL A 210 -3.85 12.71 5.75
N ASN A 211 -4.37 11.54 5.36
CA ASN A 211 -5.67 11.12 5.86
C ASN A 211 -5.62 10.89 7.36
N SER A 212 -4.54 10.24 7.80
CA SER A 212 -4.32 10.08 9.27
C SER A 212 -4.30 11.42 10.00
N LYS A 213 -3.65 12.43 9.40
CA LYS A 213 -3.66 13.76 10.01
C LYS A 213 -5.12 14.30 10.13
N LEU A 214 -5.91 14.15 9.07
CA LEU A 214 -7.31 14.65 9.05
C LEU A 214 -8.33 13.81 9.87
N ILE B 3 -28.30 -18.63 11.31
CA ILE B 3 -27.87 -18.87 12.68
C ILE B 3 -28.80 -18.21 13.68
N THR B 4 -29.01 -18.91 14.80
CA THR B 4 -29.74 -18.37 15.94
C THR B 4 -28.68 -17.84 16.92
N MET B 5 -29.07 -16.92 17.78
CA MET B 5 -28.12 -16.18 18.63
C MET B 5 -27.10 -17.05 19.39
N ASP B 6 -25.84 -16.59 19.37
CA ASP B 6 -24.67 -17.23 19.99
C ASP B 6 -24.35 -18.66 19.53
N GLU B 7 -24.85 -19.07 18.36
CA GLU B 7 -24.50 -20.38 17.79
C GLU B 7 -23.34 -20.33 16.77
N GLU B 8 -22.47 -21.34 16.79
CA GLU B 8 -21.24 -21.28 16.01
C GLU B 8 -21.22 -22.41 14.97
N VAL B 9 -20.82 -22.07 13.75
CA VAL B 9 -20.71 -23.06 12.68
C VAL B 9 -19.29 -23.00 12.17
N ILE B 10 -18.68 -24.14 11.85
CA ILE B 10 -17.29 -24.11 11.39
C ILE B 10 -17.21 -24.66 9.97
N PHE B 11 -16.48 -23.95 9.13
CA PHE B 11 -16.23 -24.39 7.76
C PHE B 11 -14.77 -24.61 7.61
N GLU B 12 -14.44 -25.62 6.82
CA GLU B 12 -13.06 -25.93 6.53
C GLU B 12 -12.79 -25.88 5.02
N THR B 13 -11.69 -25.28 4.67
CA THR B 13 -11.16 -25.33 3.31
C THR B 13 -9.74 -25.89 3.39
N PRO B 14 -9.13 -26.17 2.22
CA PRO B 14 -7.74 -26.61 2.25
C PRO B 14 -6.79 -25.58 2.84
N ARG B 15 -7.22 -24.33 2.90
CA ARG B 15 -6.36 -23.24 3.33
C ARG B 15 -6.72 -22.61 4.69
N GLU B 16 -7.94 -22.75 5.16
CA GLU B 16 -8.29 -22.03 6.38
C GLU B 16 -9.40 -22.75 7.10
N LEU B 17 -9.53 -22.44 8.39
CA LEU B 17 -10.64 -22.79 9.25
C LEU B 17 -11.40 -21.55 9.58
N ILE B 18 -12.71 -21.52 9.36
CA ILE B 18 -13.45 -20.32 9.74
C ILE B 18 -14.62 -20.72 10.63
N SER B 19 -14.82 -19.95 11.70
CA SER B 19 -15.93 -20.19 12.54
C SER B 19 -16.74 -18.90 12.49
N ILE B 20 -18.03 -19.11 12.43
CA ILE B 20 -19.00 -18.06 12.22
C ILE B 20 -20.01 -18.14 13.36
N LYS B 21 -20.18 -17.05 14.07
CA LYS B 21 -21.11 -17.10 15.21
C LYS B 21 -21.94 -15.83 15.27
N ARG B 22 -23.25 -15.97 15.43
CA ARG B 22 -24.09 -14.78 15.51
C ARG B 22 -23.90 -14.12 16.87
N ILE B 23 -23.66 -12.81 16.88
CA ILE B 23 -23.53 -12.12 18.15
C ILE B 23 -24.39 -10.86 18.16
N LYS B 24 -24.62 -10.33 19.36
CA LYS B 24 -25.47 -9.18 19.59
C LYS B 24 -24.77 -7.87 19.29
N ASP B 25 -23.64 -7.63 19.94
CA ASP B 25 -22.93 -6.37 19.76
C ASP B 25 -21.44 -6.56 19.49
N ILE B 26 -20.91 -5.76 18.57
CA ILE B 26 -19.46 -5.75 18.34
C ILE B 26 -18.77 -5.07 19.52
N PRO B 27 -17.81 -5.77 20.13
CA PRO B 27 -17.03 -5.24 21.24
C PRO B 27 -16.14 -4.11 20.77
N ARG B 28 -16.01 -3.08 21.60
CA ARG B 28 -15.26 -1.90 21.21
C ARG B 28 -14.10 -1.78 22.19
N SER B 29 -13.59 -2.90 22.69
CA SER B 29 -12.51 -2.84 23.68
C SER B 29 -11.13 -2.59 23.06
N LYS B 30 -10.98 -3.01 21.81
CA LYS B 30 -9.73 -2.84 21.08
C LYS B 30 -10.04 -2.60 19.62
N ASP B 31 -9.02 -2.22 18.87
CA ASP B 31 -9.17 -2.14 17.42
C ASP B 31 -9.58 -3.51 16.90
N THR B 32 -10.58 -3.51 16.02
CA THR B 32 -11.06 -4.75 15.39
C THR B 32 -11.30 -4.52 13.88
N HIS B 33 -11.90 -5.50 13.22
CA HIS B 33 -12.14 -5.37 11.76
C HIS B 33 -13.63 -5.55 11.53
N VAL B 34 -14.22 -4.77 10.61
CA VAL B 34 -15.64 -4.98 10.25
C VAL B 34 -15.69 -5.35 8.77
N PHE B 35 -16.59 -6.28 8.47
CA PHE B 35 -16.78 -6.79 7.12
C PHE B 35 -18.14 -6.38 6.69
N ALA B 36 -18.21 -6.02 5.42
CA ALA B 36 -19.46 -5.65 4.81
C ALA B 36 -19.89 -6.81 3.88
N ALA B 37 -20.98 -7.48 4.18
CA ALA B 37 -21.60 -8.37 3.20
C ALA B 37 -22.53 -7.50 2.32
N CYS B 38 -22.04 -7.06 1.15
CA CYS B 38 -22.81 -6.08 0.37
C CYS B 38 -23.69 -6.77 -0.62
N ILE B 39 -24.93 -6.32 -0.68
CA ILE B 39 -25.88 -6.84 -1.67
C ILE B 39 -26.26 -5.65 -2.58
N THR B 40 -26.07 -5.79 -3.89
CA THR B 40 -26.43 -4.71 -4.81
C THR B 40 -27.91 -4.44 -4.79
N SER B 41 -28.31 -3.30 -5.36
CA SER B 41 -29.73 -2.97 -5.40
C SER B 41 -30.52 -4.01 -6.18
N ASP B 42 -29.85 -4.68 -7.12
CA ASP B 42 -30.53 -5.74 -7.88
C ASP B 42 -30.28 -7.14 -7.37
N GLY B 43 -29.78 -7.24 -6.15
CA GLY B 43 -29.79 -8.50 -5.41
C GLY B 43 -28.53 -9.38 -5.52
N TYR B 44 -27.42 -8.87 -6.02
CA TYR B 44 -26.21 -9.71 -6.13
C TYR B 44 -25.30 -9.52 -4.95
N PRO B 45 -24.83 -10.60 -4.35
CA PRO B 45 -23.85 -10.48 -3.26
C PRO B 45 -22.49 -10.21 -3.85
N LEU B 46 -21.73 -9.32 -3.20
CA LEU B 46 -20.47 -8.84 -3.74
C LEU B 46 -19.28 -9.45 -3.00
N ILE B 47 -18.20 -9.63 -3.71
CA ILE B 47 -16.98 -10.16 -3.06
C ILE B 47 -15.85 -9.38 -3.74
N GLY B 48 -14.74 -9.14 -3.00
CA GLY B 48 -13.60 -8.48 -3.62
C GLY B 48 -12.48 -9.47 -3.90
N ALA B 49 -11.63 -9.19 -4.89
CA ALA B 49 -10.44 -10.01 -5.06
C ALA B 49 -9.32 -9.14 -4.51
N ARG B 50 -8.69 -9.61 -3.45
CA ARG B 50 -7.65 -8.85 -2.74
C ARG B 50 -6.53 -8.54 -3.69
N ARG B 51 -6.04 -7.31 -3.68
CA ARG B 51 -4.99 -6.98 -4.65
C ARG B 51 -3.73 -7.85 -4.46
N THR B 52 -3.33 -8.09 -3.22
CA THR B 52 -2.15 -8.95 -2.96
C THR B 52 -2.64 -10.23 -2.39
N SER B 53 -2.17 -11.39 -2.88
CA SER B 53 -2.66 -12.64 -2.26
C SER B 53 -2.07 -12.86 -0.87
N PHE B 54 -2.77 -13.63 -0.03
CA PHE B 54 -2.18 -13.90 1.29
C PHE B 54 -0.88 -14.68 1.19
N ALA B 55 -0.79 -15.58 0.21
CA ALA B 55 0.45 -16.39 0.06
C ALA B 55 1.68 -15.51 -0.29
N PHE B 56 1.51 -14.58 -1.23
CA PHE B 56 2.63 -13.71 -1.63
C PHE B 56 3.02 -12.81 -0.46
N GLN B 57 2.03 -12.23 0.21
CA GLN B 57 2.38 -11.42 1.37
C GLN B 57 3.11 -12.22 2.43
N ALA B 58 2.67 -13.45 2.69
CA ALA B 58 3.33 -14.30 3.71
C ALA B 58 4.79 -14.61 3.36
N ILE B 59 5.01 -15.01 2.12
CA ILE B 59 6.35 -15.26 1.63
C ILE B 59 7.32 -14.09 1.72
N LEU B 60 6.89 -12.89 1.31
CA LEU B 60 7.76 -11.75 1.48
C LEU B 60 8.10 -11.60 2.97
N SER B 61 9.15 -12.30 3.41
CA SER B 61 9.52 -12.42 4.83
C SER B 61 10.60 -13.49 4.97
N PHE B 69 16.10 -18.27 -0.42
CA PHE B 69 14.71 -17.94 -0.79
C PHE B 69 14.05 -19.11 -1.52
N ARG B 70 13.15 -19.82 -0.83
CA ARG B 70 12.42 -20.94 -1.40
C ARG B 70 10.92 -20.80 -1.13
N VAL B 71 10.13 -21.43 -1.98
CA VAL B 71 8.68 -21.36 -1.90
C VAL B 71 8.02 -22.71 -2.10
N SER B 72 7.24 -23.14 -1.11
CA SER B 72 6.40 -24.32 -1.21
C SER B 72 5.43 -24.22 -2.40
N THR B 73 5.31 -25.27 -3.22
CA THR B 73 4.41 -25.14 -4.40
C THR B 73 2.96 -25.06 -3.93
N LYS B 74 2.76 -25.57 -2.71
CA LYS B 74 1.47 -25.44 -2.04
C LYS B 74 1.05 -23.99 -1.95
N LEU B 75 2.03 -23.08 -1.86
CA LEU B 75 1.74 -21.66 -1.89
C LEU B 75 1.63 -21.13 -3.34
N LEU B 76 2.38 -21.75 -4.24
CA LEU B 76 2.43 -21.22 -5.62
C LEU B 76 1.08 -21.32 -6.31
N ARG B 77 0.24 -22.25 -5.86
CA ARG B 77 -1.05 -22.31 -6.56
C ARG B 77 -2.08 -21.27 -6.06
N PHE B 78 -1.68 -20.42 -5.13
CA PHE B 78 -2.61 -19.41 -4.59
C PHE B 78 -1.95 -18.02 -4.64
N MET B 79 -1.31 -17.75 -5.77
CA MET B 79 -0.74 -16.42 -6.06
C MET B 79 -1.23 -15.94 -7.42
N TYR B 80 -1.25 -14.62 -7.62
CA TYR B 80 -1.61 -14.04 -8.88
C TYR B 80 -0.46 -14.11 -9.88
N TYR B 81 -0.74 -13.86 -11.15
CA TYR B 81 0.32 -14.00 -12.14
C TYR B 81 1.52 -13.05 -11.89
N ASN B 82 1.27 -11.80 -11.49
CA ASN B 82 2.38 -10.90 -11.31
C ASN B 82 3.25 -11.32 -10.14
N GLU B 83 2.61 -11.93 -9.15
CA GLU B 83 3.33 -12.44 -7.99
C GLU B 83 4.23 -13.61 -8.36
N LEU B 84 3.66 -14.53 -9.15
CA LEU B 84 4.41 -15.68 -9.65
C LEU B 84 5.59 -15.20 -10.47
N ARG B 85 5.39 -14.15 -11.24
CA ARG B 85 6.47 -13.69 -12.10
C ARG B 85 7.60 -13.14 -11.21
N GLU B 86 7.25 -12.46 -10.13
CA GLU B 86 8.30 -12.01 -9.21
C GLU B 86 9.02 -13.17 -8.48
N ILE B 87 8.25 -14.17 -8.05
CA ILE B 87 8.79 -15.30 -7.28
C ILE B 87 9.82 -16.04 -8.13
N PHE B 88 9.44 -16.29 -9.38
CA PHE B 88 10.33 -17.00 -10.29
C PHE B 88 11.49 -16.15 -10.75
N ARG B 89 11.31 -14.83 -10.80
CA ARG B 89 12.46 -13.97 -11.11
C ARG B 89 13.49 -14.16 -10.00
N ARG B 90 13.03 -14.29 -8.77
CA ARG B 90 14.00 -14.44 -7.69
C ARG B 90 14.57 -15.86 -7.58
N LEU B 91 13.91 -16.85 -8.17
CA LEU B 91 14.48 -18.21 -8.27
C LEU B 91 15.33 -18.47 -9.54
N ASP B 100 -2.19 -21.83 -10.65
CA ASP B 100 -3.60 -21.68 -11.03
C ASP B 100 -3.79 -20.40 -11.78
N PRO B 101 -4.07 -20.48 -13.08
CA PRO B 101 -4.12 -19.25 -13.86
C PRO B 101 -5.42 -18.47 -13.60
N HIS B 102 -6.34 -19.01 -12.82
CA HIS B 102 -7.49 -18.19 -12.49
C HIS B 102 -7.68 -18.06 -10.99
N PHE B 103 -6.57 -18.01 -10.28
CA PHE B 103 -6.66 -17.81 -8.84
C PHE B 103 -7.13 -16.39 -8.55
N GLU B 104 -8.04 -16.24 -7.59
CA GLU B 104 -8.25 -14.89 -7.02
C GLU B 104 -8.41 -15.06 -5.52
N GLU B 105 -7.98 -14.05 -4.75
CA GLU B 105 -8.01 -14.15 -3.29
C GLU B 105 -9.31 -13.54 -2.75
N LEU B 106 -10.35 -14.31 -2.49
CA LEU B 106 -11.61 -13.64 -2.24
C LEU B 106 -11.72 -13.12 -0.82
N ILE B 107 -12.17 -11.87 -0.71
CA ILE B 107 -12.37 -11.29 0.62
C ILE B 107 -13.65 -10.47 0.68
N LEU B 108 -14.27 -10.43 1.84
CA LEU B 108 -15.35 -9.46 2.04
C LEU B 108 -14.76 -8.06 2.10
N LEU B 109 -15.52 -7.09 1.59
CA LEU B 109 -15.10 -5.67 1.71
C LEU B 109 -15.19 -5.25 3.17
N GLY B 110 -14.50 -4.19 3.55
CA GLY B 110 -14.59 -3.73 4.93
C GLY B 110 -13.24 -3.20 5.38
N GLY B 111 -13.04 -3.03 6.69
CA GLY B 111 -11.74 -2.57 7.16
C GLY B 111 -11.65 -2.40 8.67
N LYS B 112 -10.68 -1.61 9.15
CA LYS B 112 -10.47 -1.52 10.60
C LYS B 112 -11.46 -0.60 11.24
N LEU B 113 -11.97 -1.04 12.38
CA LEU B 113 -12.83 -0.29 13.24
C LEU B 113 -12.05 0.01 14.54
N ASP B 114 -11.80 1.30 14.80
CA ASP B 114 -11.21 1.73 16.08
C ASP B 114 -12.29 1.82 17.19
N LYS B 115 -12.18 2.80 18.11
CA LYS B 115 -13.27 3.04 19.06
C LYS B 115 -13.86 4.46 19.01
N LYS B 116 -13.29 5.35 18.22
CA LYS B 116 -14.00 6.63 18.07
C LYS B 116 -15.28 6.45 17.21
N GLU B 117 -15.15 5.98 15.96
CA GLU B 117 -16.29 6.07 15.06
C GLU B 117 -17.27 4.93 15.21
N SER B 118 -18.49 5.19 14.78
CA SER B 118 -19.55 4.21 14.79
C SER B 118 -19.28 3.12 13.76
N ILE B 119 -19.94 1.98 13.96
CA ILE B 119 -19.81 0.87 13.04
C ILE B 119 -20.25 1.31 11.65
N LYS B 120 -21.39 1.99 11.58
CA LYS B 120 -21.97 2.38 10.29
C LYS B 120 -21.13 3.38 9.54
N ASP B 121 -20.60 4.39 10.24
CA ASP B 121 -19.71 5.35 9.60
C ASP B 121 -18.45 4.69 9.10
N CYS B 122 -17.95 3.74 9.89
CA CYS B 122 -16.80 2.96 9.49
C CYS B 122 -17.09 2.17 8.20
N LEU B 123 -18.21 1.45 8.18
CA LEU B 123 -18.60 0.72 6.97
C LEU B 123 -18.80 1.68 5.76
N ARG B 124 -19.49 2.80 5.95
CA ARG B 124 -19.63 3.75 4.84
C ARG B 124 -18.29 4.22 4.28
N ARG B 125 -17.38 4.64 5.17
CA ARG B 125 -16.07 5.14 4.74
C ARG B 125 -15.21 4.06 4.09
N GLU B 126 -15.13 2.87 4.68
CA GLU B 126 -14.30 1.81 4.08
C GLU B 126 -14.88 1.38 2.76
N LEU B 127 -16.22 1.27 2.68
CA LEU B 127 -16.80 0.91 1.38
C LEU B 127 -16.50 1.98 0.32
N LYS B 128 -16.53 3.25 0.75
CA LYS B 128 -16.20 4.31 -0.19
C LYS B 128 -14.74 4.19 -0.68
N GLU B 129 -13.83 3.90 0.25
CA GLU B 129 -12.44 3.82 -0.15
C GLU B 129 -12.16 2.65 -1.06
N GLU B 130 -12.75 1.49 -0.73
CA GLU B 130 -12.45 0.27 -1.44
C GLU B 130 -13.14 0.18 -2.77
N SER B 131 -14.13 1.05 -3.02
CA SER B 131 -14.87 0.94 -4.27
C SER B 131 -14.62 2.10 -5.24
N ASP B 132 -13.55 2.84 -5.03
CA ASP B 132 -13.30 4.04 -5.83
C ASP B 132 -14.45 5.05 -5.68
N GLU B 133 -15.01 5.17 -4.47
CA GLU B 133 -16.14 6.08 -4.17
C GLU B 133 -17.44 5.68 -4.90
N ARG B 134 -17.58 4.44 -5.36
CA ARG B 134 -18.79 4.06 -6.08
C ARG B 134 -19.87 3.48 -5.23
N ILE B 135 -19.53 2.80 -4.14
CA ILE B 135 -20.55 2.20 -3.30
C ILE B 135 -21.04 3.09 -2.16
N THR B 136 -22.35 3.25 -2.05
CA THR B 136 -22.95 3.89 -0.90
C THR B 136 -24.02 2.97 -0.31
N VAL B 137 -24.29 3.09 0.99
CA VAL B 137 -25.20 2.16 1.66
C VAL B 137 -26.57 2.76 1.83
N LYS B 138 -27.56 2.02 1.36
CA LYS B 138 -28.98 2.37 1.48
C LYS B 138 -29.52 1.95 2.85
N GLU B 139 -29.23 0.71 3.26
CA GLU B 139 -29.70 0.14 4.52
C GLU B 139 -28.68 -0.80 5.08
N PHE B 140 -28.58 -0.85 6.41
CA PHE B 140 -27.80 -1.91 7.07
C PHE B 140 -28.71 -2.97 7.58
N GLY B 141 -28.16 -4.17 7.75
CA GLY B 141 -28.82 -5.27 8.44
C GLY B 141 -28.66 -5.15 9.93
N ASN B 142 -29.39 -5.99 10.66
CA ASN B 142 -29.43 -6.01 12.13
C ASN B 142 -28.66 -7.18 12.71
N VAL B 143 -28.32 -8.14 11.85
CA VAL B 143 -27.69 -9.38 12.30
C VAL B 143 -26.19 -9.22 12.17
N ILE B 144 -25.46 -9.50 13.25
CA ILE B 144 -23.99 -9.43 13.23
C ILE B 144 -23.37 -10.81 13.36
N LEU B 145 -22.38 -11.12 12.52
CA LEU B 145 -21.67 -12.39 12.61
C LEU B 145 -20.20 -12.19 12.94
N LYS B 146 -19.69 -12.82 14.01
CA LYS B 146 -18.27 -12.80 14.26
C LYS B 146 -17.63 -13.90 13.38
N LEU B 147 -16.62 -13.51 12.60
CA LEU B 147 -15.88 -14.41 11.73
C LEU B 147 -14.49 -14.58 12.28
N THR B 148 -14.16 -15.80 12.64
CA THR B 148 -12.78 -16.07 13.10
C THR B 148 -12.12 -17.01 12.10
N THR B 149 -11.08 -16.52 11.40
CA THR B 149 -10.41 -17.37 10.46
C THR B 149 -9.04 -17.74 11.01
N ARG B 150 -8.63 -18.98 10.81
CA ARG B 150 -7.27 -19.43 11.13
C ARG B 150 -6.70 -20.08 9.87
N ASP B 151 -5.66 -19.52 9.28
CA ASP B 151 -4.99 -20.11 8.13
C ASP B 151 -4.20 -21.36 8.49
N LYS B 152 -4.44 -22.39 7.69
CA LYS B 152 -3.97 -23.71 8.07
C LYS B 152 -2.47 -23.84 7.94
N LEU B 153 -1.86 -23.12 7.03
CA LEU B 153 -0.42 -23.22 6.88
C LEU B 153 0.42 -22.47 7.93
N PHE B 154 0.04 -21.22 8.24
CA PHE B 154 0.84 -20.42 9.20
C PHE B 154 0.17 -20.23 10.56
N ASN B 155 -1.04 -20.79 10.71
CA ASN B 155 -1.82 -20.70 11.95
C ASN B 155 -2.01 -19.24 12.40
N LYS B 156 -2.12 -18.31 11.44
CA LYS B 156 -2.44 -16.89 11.77
C LYS B 156 -3.97 -16.78 11.93
N VAL B 157 -4.40 -16.10 12.99
CA VAL B 157 -5.82 -15.88 13.25
C VAL B 157 -6.22 -14.47 12.89
N TYR B 158 -7.33 -14.29 12.15
CA TYR B 158 -7.83 -12.94 11.83
C TYR B 158 -9.33 -12.92 12.22
N ILE B 159 -9.73 -11.92 13.00
CA ILE B 159 -11.10 -11.85 13.53
C ILE B 159 -11.78 -10.61 13.02
N GLY B 160 -13.04 -10.75 12.59
CA GLY B 160 -13.78 -9.56 12.19
C GLY B 160 -15.27 -9.74 12.41
N TYR B 161 -16.05 -8.68 12.26
CA TYR B 161 -17.50 -8.75 12.52
C TYR B 161 -18.22 -8.31 11.25
N CYS B 162 -19.19 -9.10 10.82
CA CYS B 162 -19.80 -8.97 9.52
C CYS B 162 -21.24 -8.55 9.65
N MET B 163 -21.62 -7.53 8.87
CA MET B 163 -23.02 -7.09 8.79
C MET B 163 -23.45 -6.97 7.31
N ALA B 164 -24.73 -7.12 7.06
CA ALA B 164 -25.22 -6.89 5.69
C ALA B 164 -25.29 -5.40 5.36
N CYS B 165 -24.85 -5.01 4.16
CA CYS B 165 -25.00 -3.65 3.68
C CYS B 165 -25.77 -3.71 2.39
N PHE B 166 -26.98 -3.17 2.38
CA PHE B 166 -27.73 -3.16 1.13
C PHE B 166 -27.42 -1.84 0.46
N ILE B 167 -26.74 -1.88 -0.69
CA ILE B 167 -26.13 -0.67 -1.23
C ILE B 167 -27.03 -0.07 -2.30
N ASN B 168 -26.75 1.18 -2.68
CA ASN B 168 -27.60 1.87 -3.65
C ASN B 168 -27.34 1.45 -5.11
N GLN B 169 -26.14 0.95 -5.35
CA GLN B 169 -25.67 0.65 -6.69
C GLN B 169 -26.10 -0.74 -7.17
N SER B 170 -26.25 -0.86 -8.48
CA SER B 170 -26.47 -2.15 -9.14
C SER B 170 -25.14 -2.84 -9.41
N LEU B 171 -25.22 -4.12 -9.77
CA LEU B 171 -23.99 -4.82 -10.13
C LEU B 171 -23.32 -4.12 -11.35
N GLU B 172 -24.15 -3.69 -12.30
CA GLU B 172 -23.67 -3.02 -13.51
C GLU B 172 -22.89 -1.75 -13.16
N ASP B 173 -23.41 -0.96 -12.22
CA ASP B 173 -22.65 0.21 -11.71
C ASP B 173 -21.24 -0.09 -11.27
N LEU B 174 -21.00 -1.28 -10.72
CA LEU B 174 -19.69 -1.59 -10.19
C LEU B 174 -18.89 -2.45 -11.17
N SER B 175 -19.44 -2.62 -12.37
CA SER B 175 -18.89 -3.56 -13.35
C SER B 175 -18.52 -2.99 -14.71
N HIS B 176 -19.00 -1.81 -15.02
CA HIS B 176 -18.77 -1.33 -16.38
C HIS B 176 -17.32 -0.82 -16.45
N THR B 177 -16.81 -0.42 -15.31
CA THR B 177 -15.43 0.00 -15.20
C THR B 177 -14.93 -0.73 -13.94
N SER B 178 -13.86 -1.47 -14.06
CA SER B 178 -13.32 -2.22 -12.97
C SER B 178 -12.85 -1.29 -11.86
N ILE B 179 -13.01 -1.81 -10.65
CA ILE B 179 -12.53 -1.19 -9.42
C ILE B 179 -11.18 -1.81 -9.10
N TYR B 180 -10.09 -1.12 -9.46
CA TYR B 180 -8.73 -1.58 -9.29
C TYR B 180 -7.98 -0.58 -8.40
N ASN B 181 -7.71 -0.92 -7.16
CA ASN B 181 -7.15 0.07 -6.23
C ASN B 181 -6.19 -0.54 -5.26
N VAL B 182 -5.82 0.14 -4.17
CA VAL B 182 -4.79 -0.40 -3.31
C VAL B 182 -5.26 -1.68 -2.58
N GLU B 183 -6.57 -1.77 -2.33
CA GLU B 183 -7.13 -2.89 -1.58
C GLU B 183 -7.49 -4.10 -2.45
N ILE B 184 -8.15 -3.83 -3.58
CA ILE B 184 -8.71 -4.91 -4.39
C ILE B 184 -8.45 -4.72 -5.88
N ARG B 185 -8.38 -5.85 -6.59
CA ARG B 185 -8.27 -5.89 -8.07
C ARG B 185 -9.56 -5.83 -8.78
N LYS B 186 -10.61 -6.30 -8.11
CA LYS B 186 -11.94 -6.19 -8.68
C LYS B 186 -13.02 -6.47 -7.65
N ILE B 187 -14.23 -6.08 -7.97
CA ILE B 187 -15.37 -6.48 -7.20
C ILE B 187 -16.16 -7.36 -8.14
N LYS B 188 -16.69 -8.48 -7.66
CA LYS B 188 -17.51 -9.32 -8.52
C LYS B 188 -18.68 -9.91 -7.80
N SER B 189 -19.58 -10.50 -8.59
CA SER B 189 -20.67 -11.22 -8.03
C SER B 189 -20.16 -12.51 -7.36
N LEU B 190 -20.65 -12.81 -6.19
CA LEU B 190 -20.16 -14.06 -5.54
C LEU B 190 -20.55 -15.31 -6.33
N ASN B 191 -21.64 -15.18 -7.08
CA ASN B 191 -22.21 -16.29 -7.85
C ASN B 191 -21.24 -16.59 -9.05
N ASP B 192 -20.30 -15.69 -9.36
CA ASP B 192 -19.22 -15.95 -10.32
C ASP B 192 -18.00 -16.62 -9.69
N CYS B 193 -18.15 -17.14 -8.48
CA CYS B 193 -16.99 -17.65 -7.75
C CYS B 193 -17.21 -19.03 -7.27
N ILE B 194 -18.05 -19.77 -8.00
CA ILE B 194 -18.57 -21.03 -7.56
C ILE B 194 -17.47 -22.05 -7.33
N ASN B 195 -16.38 -21.95 -8.09
CA ASN B 195 -15.26 -22.89 -7.96
C ASN B 195 -14.21 -22.52 -6.92
N ASP B 196 -14.39 -21.36 -6.28
CA ASP B 196 -13.40 -20.90 -5.30
C ASP B 196 -13.49 -21.71 -4.01
N ASP B 197 -12.37 -21.95 -3.31
CA ASP B 197 -12.50 -22.80 -2.10
C ASP B 197 -13.17 -22.04 -0.97
N LYS B 198 -13.35 -20.73 -1.15
CA LYS B 198 -14.07 -19.95 -0.15
C LYS B 198 -15.56 -19.82 -0.43
N TYR B 199 -16.03 -20.37 -1.55
CA TYR B 199 -17.43 -20.13 -1.95
C TYR B 199 -18.43 -20.65 -0.93
N GLU B 200 -18.16 -21.84 -0.36
CA GLU B 200 -19.14 -22.43 0.53
C GLU B 200 -19.39 -21.54 1.74
N TYR B 201 -18.32 -21.12 2.38
CA TYR B 201 -18.53 -20.35 3.63
C TYR B 201 -18.94 -18.90 3.32
N LEU B 202 -18.47 -18.35 2.22
CA LEU B 202 -18.98 -17.00 1.88
C LEU B 202 -20.49 -17.02 1.56
N SER B 203 -20.90 -18.05 0.84
CA SER B 203 -22.31 -18.20 0.48
C SER B 203 -23.13 -18.35 1.74
N TYR B 204 -22.60 -19.11 2.70
CA TYR B 204 -23.30 -19.32 4.00
C TYR B 204 -23.49 -18.00 4.74
N ILE B 205 -22.43 -17.21 4.78
CA ILE B 205 -22.52 -15.89 5.39
C ILE B 205 -23.63 -15.04 4.75
N TYR B 206 -23.64 -14.97 3.42
CA TYR B 206 -24.68 -14.15 2.79
C TYR B 206 -26.09 -14.71 3.04
N ASN B 207 -26.23 -16.04 3.01
CA ASN B 207 -27.54 -16.67 3.25
C ASN B 207 -28.07 -16.36 4.66
N MET B 208 -27.15 -16.41 5.64
CA MET B 208 -27.52 -16.11 7.01
C MET B 208 -27.91 -14.67 7.18
N LEU B 209 -27.24 -13.77 6.46
CA LEU B 209 -27.50 -12.35 6.63
C LEU B 209 -28.70 -11.82 5.87
N VAL B 210 -28.90 -12.32 4.66
CA VAL B 210 -29.99 -11.84 3.84
C VAL B 210 -31.28 -12.51 4.29
N ASN B 211 -31.27 -13.83 4.44
CA ASN B 211 -32.53 -14.52 4.73
C ASN B 211 -33.09 -14.29 6.13
N SER B 212 -32.23 -14.21 7.14
CA SER B 212 -32.68 -13.85 8.48
C SER B 212 -33.44 -12.51 8.51
NA NA C . 18.96 14.23 -17.15
NA NA D . 3.81 4.39 -10.05
N1 G7R E . 20.26 2.54 -1.99
C4 G7R E . 22.93 2.21 -2.09
C5 G7R E . 25.12 0.77 -3.65
C6 G7R E . 23.92 1.17 -4.12
C7 G7R E . 23.22 2.42 -3.57
C10 G7R E . 18.93 4.70 -0.87
C13 G7R E . 17.14 8.40 0.23
C15 G7R E . 13.82 6.12 -0.90
C17 G7R E . 18.15 3.61 -1.46
C20 G7R E . 16.36 1.54 -3.68
C21 G7R E . 16.94 1.27 -4.90
C22 G7R E . 16.05 1.47 -6.05
C24 G7R E . 14.43 2.22 -7.87
C26 G7R E . 19.44 0.01 -9.13
C1 G7R E . 24.97 -3.34 -6.21
O3' G7R E . 25.85 -2.38 -5.66
C3' G7R E . 25.20 -1.23 -5.15
C2' G7R E . 25.80 -0.50 -4.17
O2' G7R E . 27.03 -0.91 -3.71
CAA G7R E . 27.14 -1.17 -2.34
N9 G7R E . 22.41 3.42 -1.43
C9 G7R E . 20.96 3.54 -1.41
N7 G7R E . 20.25 4.66 -0.84
C11 G7R E . 18.24 5.92 -0.25
C12 G7R E . 16.87 6.05 -0.24
OP3 G7R E . 16.32 7.22 0.34
C14 G7R E . 15.94 4.87 -0.90
O4' G7R E . 14.50 4.88 -0.94
C16 G7R E . 16.61 3.77 -1.43
C2 G7R E . 18.85 2.54 -1.99
N2 G7R E . 18.35 1.36 -2.71
C19 G7R E . 17.06 1.04 -2.67
C23 G7R E . 16.47 1.19 -7.31
O6 G7R E . 15.54 1.42 -8.32
C5' G7R E . 17.88 0.66 -7.58
O5' G7R E . 18.13 0.42 -8.92
C27 G7R E . 18.75 0.44 -6.50
C29 G7R E . 19.22 0.57 -3.74
C30 G7R E . 23.24 0.34 -5.21
C31 G7R E . 23.85 -0.78 -5.69
C3 G7R E . 18.26 0.77 -5.10
N1 G7R F . -4.80 -12.14 7.24
C4 G7R F . -2.36 -10.96 7.39
C5 G7R F . 0.78 -11.28 7.06
C6 G7R F . -0.32 -11.83 6.46
C7 G7R F . -1.51 -10.95 6.13
C10 G7R F . -7.09 -10.84 6.32
C13 G7R F . -10.16 -8.80 4.31
C15 G7R F . -11.21 -13.82 6.57
C17 G7R F . -7.16 -12.29 6.61
C20 G7R F . -6.79 -15.56 6.11
C21 G7R F . -5.67 -16.06 5.51
C22 G7R F . -6.02 -16.96 4.39
C24 G7R F . -4.67 -18.48 1.49
C26 G7R F . -1.33 -18.08 3.56
C1 G7R F . 2.58 -15.48 8.20
O3' G7R F . 2.98 -14.36 7.44
C3' G7R F . 1.89 -13.51 7.12
C2' G7R F . 1.97 -12.18 7.41
O2' G7R F . 3.09 -11.68 8.02
CAA G7R F . 3.91 -10.88 7.22
N9 G7R F . -3.55 -10.11 7.18
C9 G7R F . -4.79 -10.81 6.98
N7 G7R F . -5.96 -10.16 6.51
C11 G7R F . -8.27 -10.04 5.81
C12 G7R F . -9.47 -10.66 5.58
OP3 G7R F . -10.57 -9.94 5.09
C14 G7R F . -9.62 -12.21 5.91
O4' G7R F . -10.90 -12.77 5.69
C16 G7R F . -8.53 -12.93 6.38
C2 G7R F . -5.98 -12.87 7.11
N2 G7R F . -5.62 -14.24 7.38
C19 G7R F . -6.60 -15.11 7.33
C23 G7R F . -5.09 -17.59 3.68
O6 G7R F . -5.58 -18.40 2.63
C5' G7R F . -3.60 -17.40 4.10
O5' G7R F . -2.71 -18.11 3.31
C27 G7R F . -3.25 -16.58 5.17
C29 G7R F . -4.15 -14.82 7.35
C30 G7R F . -0.40 -13.31 6.15
C31 G7R F . 0.65 -14.11 6.46
C3 G7R F . -4.34 -15.84 5.98
#